data_5JGL
#
_entry.id   5JGL
#
_cell.length_a   45.989
_cell.length_b   114.142
_cell.length_c   56.438
_cell.angle_alpha   90.000
_cell.angle_beta   104.550
_cell.angle_gamma   90.000
#
_symmetry.space_group_name_H-M   'P 1 21 1'
#
loop_
_entity.id
_entity.type
_entity.pdbx_description
1 polymer 'UbiE/COQ5 family methyltransferase, putative'
2 non-polymer S-ADENOSYLMETHIONINE
3 non-polymer 'SODIUM ION'
4 water water
#
_entity_poly.entity_id   1
_entity_poly.type   'polypeptide(L)'
_entity_poly.pdbx_seq_one_letter_code
;GHMSKSDYIQNMFQTKSFVDRYKYTEKLTGLYAQTLVDYSGVANTSQKPLIVLDNACGIGAVSSVLNHTLQDEAKKTWKL
TCGDLSEGMLETTKRRLQDEGWVNAETKIVNALDTGLPDGHYTHVFVAFGFQSFPDANAALKECFRILASGGILASSTWQ
NFNWIPIMKAAIETIPGNLPFPTQKEFIALHNAGWDSESYIQSELEKLGFRDVKVIPVPKETSIPIDEFFEVCMMIIPYL
LPKFWTEEQRESHEKDVPMVLRQYLQDTYGANGQVPLEAVALITTGLKP
;
_entity_poly.pdbx_strand_id   A,B
#
loop_
_chem_comp.id
_chem_comp.type
_chem_comp.name
_chem_comp.formula
NA non-polymer 'SODIUM ION' 'Na 1'
SAM non-polymer S-ADENOSYLMETHIONINE 'C15 H22 N6 O5 S'
#
# COMPACT_ATOMS: atom_id res chain seq x y z
N LYS A 16 19.17 15.42 -10.61
CA LYS A 16 18.10 14.73 -11.31
C LYS A 16 18.21 13.21 -11.11
N SER A 17 17.28 12.66 -10.33
CA SER A 17 17.28 11.24 -10.01
C SER A 17 16.44 10.47 -11.04
N PHE A 18 16.23 9.18 -10.78
CA PHE A 18 15.44 8.36 -11.69
C PHE A 18 13.99 8.80 -11.74
N VAL A 19 13.44 9.20 -10.59
CA VAL A 19 12.03 9.61 -10.54
C VAL A 19 11.80 10.99 -11.14
N ASP A 20 12.85 11.76 -11.38
CA ASP A 20 12.75 13.03 -12.08
C ASP A 20 12.80 12.88 -13.59
N ARG A 21 12.88 11.66 -14.10
CA ARG A 21 13.02 11.40 -15.53
C ARG A 21 11.75 10.73 -16.05
N TYR A 22 11.08 11.38 -16.99
CA TYR A 22 9.86 10.84 -17.58
C TYR A 22 10.09 9.47 -18.22
N LYS A 23 11.33 9.20 -18.63
CA LYS A 23 11.64 7.94 -19.30
C LYS A 23 11.32 6.73 -18.42
N TYR A 24 11.54 6.85 -17.11
CA TYR A 24 11.39 5.72 -16.21
C TYR A 24 10.08 5.73 -15.41
N THR A 25 9.39 6.88 -15.35
CA THR A 25 8.17 6.97 -14.56
C THR A 25 6.90 6.95 -15.40
N GLU A 26 6.99 7.34 -16.68
CA GLU A 26 5.81 7.33 -17.54
C GLU A 26 5.13 5.97 -17.54
N LYS A 27 5.91 4.90 -17.61
CA LYS A 27 5.40 3.54 -17.69
C LYS A 27 4.85 3.03 -16.37
N LEU A 28 5.10 3.73 -15.26
CA LEU A 28 4.75 3.23 -13.93
C LEU A 28 3.55 3.90 -13.30
N THR A 29 3.16 5.10 -13.75
CA THR A 29 2.12 5.85 -13.05
C THR A 29 0.80 5.09 -13.05
N GLY A 30 0.52 4.32 -14.09
CA GLY A 30 -0.71 3.56 -14.14
C GLY A 30 -0.85 2.53 -13.04
N LEU A 31 0.27 2.07 -12.49
CA LEU A 31 0.24 1.02 -11.47
C LEU A 31 -0.32 1.53 -10.14
N TYR A 32 -0.41 2.84 -9.95
CA TYR A 32 -0.86 3.41 -8.70
C TYR A 32 -2.26 4.00 -8.77
N ALA A 33 -2.94 3.90 -9.92
CA ALA A 33 -4.26 4.47 -10.04
C ALA A 33 -5.25 3.78 -9.10
N GLN A 34 -5.30 2.45 -9.16
CA GLN A 34 -6.17 1.71 -8.26
C GLN A 34 -5.83 1.99 -6.80
N THR A 35 -4.54 2.04 -6.49
CA THR A 35 -4.10 2.32 -5.12
C THR A 35 -4.66 3.65 -4.64
N LEU A 36 -4.53 4.69 -5.46
CA LEU A 36 -5.00 6.02 -5.08
C LEU A 36 -6.50 6.03 -4.84
N VAL A 37 -7.26 5.34 -5.69
CA VAL A 37 -8.71 5.30 -5.52
C VAL A 37 -9.08 4.58 -4.23
N ASP A 38 -8.36 3.50 -3.91
CA ASP A 38 -8.69 2.72 -2.72
C ASP A 38 -8.43 3.51 -1.44
N TYR A 39 -7.31 4.23 -1.39
CA TYR A 39 -6.99 5.00 -0.19
C TYR A 39 -7.91 6.21 -0.02
N SER A 40 -8.44 6.76 -1.11
CA SER A 40 -9.30 7.93 -0.98
C SER A 40 -10.55 7.62 -0.18
N GLY A 41 -11.05 6.38 -0.24
CA GLY A 41 -12.30 6.02 0.38
C GLY A 41 -13.52 6.29 -0.47
N VAL A 42 -13.34 6.73 -1.71
CA VAL A 42 -14.46 7.15 -2.54
C VAL A 42 -15.46 6.02 -2.74
N ALA A 43 -14.98 4.77 -2.79
CA ALA A 43 -15.86 3.63 -3.02
C ALA A 43 -16.78 3.34 -1.83
N ASN A 44 -16.54 3.97 -0.68
CA ASN A 44 -17.44 3.79 0.46
C ASN A 44 -18.73 4.55 0.22
N THR A 45 -19.86 3.88 0.50
CA THR A 45 -21.15 4.52 0.40
C THR A 45 -21.17 5.80 1.23
N SER A 46 -21.78 6.85 0.67
CA SER A 46 -21.96 8.10 1.37
C SER A 46 -23.38 8.59 1.12
N GLN A 47 -23.82 9.52 1.97
CA GLN A 47 -25.15 10.09 1.82
C GLN A 47 -25.23 10.99 0.60
N LYS A 48 -24.36 12.00 0.53
CA LYS A 48 -24.43 13.00 -0.53
C LYS A 48 -23.96 12.40 -1.85
N PRO A 49 -24.40 12.98 -2.97
CA PRO A 49 -23.87 12.54 -4.28
C PRO A 49 -22.41 12.92 -4.45
N LEU A 50 -21.69 12.08 -5.20
CA LEU A 50 -20.28 12.31 -5.46
C LEU A 50 -20.09 13.31 -6.59
N ILE A 51 -19.32 14.36 -6.34
CA ILE A 51 -18.89 15.32 -7.36
C ILE A 51 -17.38 15.27 -7.40
N VAL A 52 -16.82 14.65 -8.43
CA VAL A 52 -15.42 14.24 -8.46
C VAL A 52 -14.69 14.97 -9.58
N LEU A 53 -13.48 15.45 -9.27
CA LEU A 53 -12.58 16.04 -10.25
C LEU A 53 -11.33 15.17 -10.34
N ASP A 54 -11.07 14.63 -11.53
CA ASP A 54 -9.79 13.99 -11.83
C ASP A 54 -8.88 15.07 -12.40
N ASN A 55 -8.12 15.71 -11.50
CA ASN A 55 -7.30 16.86 -11.87
C ASN A 55 -6.02 16.38 -12.56
N ALA A 56 -5.72 16.95 -13.72
CA ALA A 56 -4.59 16.52 -14.54
C ALA A 56 -4.74 15.05 -14.90
N CYS A 57 -5.93 14.69 -15.39
CA CYS A 57 -6.31 13.29 -15.56
C CYS A 57 -5.47 12.57 -16.59
N GLY A 58 -4.77 13.28 -17.46
CA GLY A 58 -3.95 12.64 -18.47
C GLY A 58 -4.81 11.81 -19.41
N ILE A 59 -4.51 10.52 -19.51
CA ILE A 59 -5.28 9.59 -20.33
C ILE A 59 -6.41 9.00 -19.49
N GLY A 60 -6.67 9.61 -18.32
CA GLY A 60 -7.78 9.17 -17.50
C GLY A 60 -7.56 7.89 -16.73
N ALA A 61 -6.32 7.62 -16.29
CA ALA A 61 -6.04 6.41 -15.53
C ALA A 61 -6.95 6.31 -14.30
N VAL A 62 -7.03 7.38 -13.52
CA VAL A 62 -7.88 7.36 -12.33
C VAL A 62 -9.34 7.27 -12.71
N SER A 63 -9.79 8.11 -13.65
CA SER A 63 -11.19 8.10 -14.06
C SER A 63 -11.64 6.72 -14.51
N SER A 64 -10.78 6.01 -15.25
CA SER A 64 -11.11 4.66 -15.68
C SER A 64 -11.33 3.74 -14.48
N VAL A 65 -10.46 3.82 -13.49
CA VAL A 65 -10.61 3.00 -12.28
C VAL A 65 -11.91 3.35 -11.56
N LEU A 66 -12.14 4.65 -11.34
CA LEU A 66 -13.35 5.08 -10.65
C LEU A 66 -14.59 4.44 -11.27
N ASN A 67 -14.70 4.46 -12.60
CA ASN A 67 -15.88 3.94 -13.26
C ASN A 67 -15.99 2.43 -13.13
N HIS A 68 -14.87 1.71 -13.04
CA HIS A 68 -14.93 0.27 -12.87
C HIS A 68 -15.12 -0.14 -11.41
N THR A 69 -14.66 0.68 -10.47
CA THR A 69 -14.74 0.37 -9.05
C THR A 69 -16.09 0.75 -8.45
N LEU A 70 -16.65 1.88 -8.88
CA LEU A 70 -17.89 2.37 -8.29
C LEU A 70 -19.08 1.58 -8.81
N GLN A 71 -19.97 1.21 -7.90
CA GLN A 71 -21.20 0.53 -8.27
C GLN A 71 -22.12 1.49 -9.04
N ASP A 72 -23.15 0.92 -9.68
CA ASP A 72 -24.00 1.70 -10.56
C ASP A 72 -24.83 2.73 -9.80
N GLU A 73 -25.21 2.44 -8.55
CA GLU A 73 -26.08 3.36 -7.83
C GLU A 73 -25.36 4.66 -7.51
N ALA A 74 -24.10 4.58 -7.09
CA ALA A 74 -23.32 5.79 -6.84
C ALA A 74 -23.09 6.57 -8.13
N LYS A 75 -23.06 5.89 -9.28
CA LYS A 75 -22.78 6.55 -10.54
C LYS A 75 -24.01 7.19 -11.17
N LYS A 76 -25.23 6.80 -10.75
CA LYS A 76 -26.41 7.48 -11.26
C LYS A 76 -26.44 8.94 -10.87
N THR A 77 -25.93 9.27 -9.68
CA THR A 77 -26.06 10.60 -9.10
C THR A 77 -24.74 11.36 -9.02
N TRP A 78 -23.65 10.80 -9.54
CA TRP A 78 -22.36 11.46 -9.44
C TRP A 78 -22.07 12.24 -10.70
N LYS A 79 -21.10 13.14 -10.59
CA LYS A 79 -20.61 13.92 -11.72
C LYS A 79 -19.09 13.82 -11.72
N LEU A 80 -18.54 13.19 -12.76
CA LEU A 80 -17.10 13.06 -12.91
C LEU A 80 -16.60 14.05 -13.94
N THR A 81 -15.63 14.87 -13.56
CA THR A 81 -15.00 15.84 -14.45
C THR A 81 -13.54 15.47 -14.61
N CYS A 82 -13.13 15.25 -15.86
CA CYS A 82 -11.74 14.92 -16.19
C CYS A 82 -11.06 16.18 -16.71
N GLY A 83 -10.18 16.75 -15.90
CA GLY A 83 -9.51 18.01 -16.23
C GLY A 83 -8.06 17.78 -16.62
N ASP A 84 -7.61 18.55 -17.61
CA ASP A 84 -6.21 18.52 -18.06
C ASP A 84 -6.03 19.68 -19.03
N LEU A 85 -4.79 20.17 -19.12
CA LEU A 85 -4.51 21.29 -20.02
C LEU A 85 -4.11 20.86 -21.42
N SER A 86 -3.89 19.57 -21.66
CA SER A 86 -3.50 19.08 -22.97
C SER A 86 -4.74 18.63 -23.73
N GLU A 87 -5.03 19.32 -24.85
CA GLU A 87 -6.14 18.90 -25.69
C GLU A 87 -5.90 17.51 -26.25
N GLY A 88 -4.65 17.19 -26.59
CA GLY A 88 -4.35 15.88 -27.13
C GLY A 88 -4.70 14.77 -26.17
N MET A 89 -4.41 14.97 -24.88
CA MET A 89 -4.74 13.95 -23.89
C MET A 89 -6.24 13.91 -23.62
N LEU A 90 -6.92 15.06 -23.65
CA LEU A 90 -8.36 15.06 -23.51
C LEU A 90 -9.03 14.36 -24.70
N GLU A 91 -8.49 14.55 -25.90
CA GLU A 91 -9.01 13.83 -27.07
C GLU A 91 -8.92 12.33 -26.87
N THR A 92 -7.80 11.84 -26.33
CA THR A 92 -7.67 10.42 -26.05
C THR A 92 -8.61 9.99 -24.94
N THR A 93 -8.78 10.84 -23.92
CA THR A 93 -9.59 10.48 -22.77
C THR A 93 -11.08 10.48 -23.08
N LYS A 94 -11.55 11.36 -23.98
CA LYS A 94 -12.95 11.33 -24.32
C LYS A 94 -13.29 10.11 -25.19
N ARG A 95 -12.31 9.60 -25.94
CA ARG A 95 -12.54 8.36 -26.67
C ARG A 95 -12.52 7.16 -25.74
N ARG A 96 -11.70 7.21 -24.69
CA ARG A 96 -11.75 6.17 -23.66
C ARG A 96 -13.05 6.25 -22.88
N LEU A 97 -13.44 7.47 -22.47
CA LEU A 97 -14.73 7.69 -21.84
C LEU A 97 -15.85 6.99 -22.60
N GLN A 98 -15.78 7.04 -23.93
CA GLN A 98 -16.83 6.49 -24.78
C GLN A 98 -16.73 4.97 -24.89
N ASP A 99 -15.52 4.46 -25.14
CA ASP A 99 -15.33 3.02 -25.29
C ASP A 99 -15.66 2.28 -24.00
N GLU A 100 -15.18 2.78 -22.87
CA GLU A 100 -15.38 2.10 -21.59
C GLU A 100 -16.74 2.37 -20.96
N GLY A 101 -17.53 3.28 -21.54
CA GLY A 101 -18.86 3.53 -21.03
C GLY A 101 -18.89 4.19 -19.67
N TRP A 102 -18.10 5.25 -19.49
CA TRP A 102 -18.18 6.02 -18.26
C TRP A 102 -19.52 6.73 -18.17
N VAL A 103 -20.01 6.88 -16.94
CA VAL A 103 -21.34 7.42 -16.67
C VAL A 103 -21.20 8.84 -16.11
N ASN A 104 -22.03 9.75 -16.62
CA ASN A 104 -22.06 11.13 -16.14
C ASN A 104 -20.66 11.72 -16.06
N ALA A 105 -19.82 11.33 -17.02
CA ALA A 105 -18.44 11.80 -17.08
C ALA A 105 -18.30 12.87 -18.16
N GLU A 106 -17.36 13.77 -17.94
CA GLU A 106 -17.10 14.84 -18.89
C GLU A 106 -15.60 15.12 -18.94
N THR A 107 -15.15 15.60 -20.10
CA THR A 107 -13.81 16.06 -20.32
C THR A 107 -13.82 17.58 -20.47
N LYS A 108 -12.81 18.26 -19.93
CA LYS A 108 -12.68 19.68 -20.24
C LYS A 108 -11.32 20.20 -19.78
N ILE A 109 -10.92 21.30 -20.40
CA ILE A 109 -9.66 21.97 -20.07
C ILE A 109 -9.77 22.54 -18.66
N VAL A 110 -8.78 22.22 -17.83
CA VAL A 110 -8.73 22.72 -16.46
C VAL A 110 -7.27 22.95 -16.07
N ASN A 111 -6.91 24.21 -15.84
CA ASN A 111 -5.59 24.56 -15.34
C ASN A 111 -5.56 24.35 -13.84
N ALA A 112 -4.88 23.28 -13.39
CA ALA A 112 -4.71 23.04 -11.96
C ALA A 112 -4.19 24.27 -11.23
N LEU A 113 -3.46 25.14 -11.94
CA LEU A 113 -2.99 26.38 -11.33
C LEU A 113 -4.11 27.39 -11.15
N ASP A 114 -5.15 27.30 -11.98
CA ASP A 114 -6.22 28.29 -12.01
C ASP A 114 -7.45 27.64 -12.65
N THR A 115 -8.21 26.89 -11.85
CA THR A 115 -9.15 25.93 -12.40
C THR A 115 -10.40 26.58 -12.98
N GLY A 116 -10.76 27.77 -12.50
CA GLY A 116 -12.04 28.34 -12.88
C GLY A 116 -13.24 27.58 -12.39
N LEU A 117 -13.05 26.65 -11.46
CA LEU A 117 -14.14 25.82 -10.95
C LEU A 117 -14.72 26.45 -9.68
N PRO A 118 -15.95 26.06 -9.32
CA PRO A 118 -16.64 26.74 -8.22
C PRO A 118 -16.00 26.47 -6.86
N ASP A 119 -16.27 27.38 -5.94
CA ASP A 119 -15.88 27.21 -4.54
C ASP A 119 -16.70 26.10 -3.89
N GLY A 120 -16.04 25.28 -3.09
CA GLY A 120 -16.75 24.33 -2.24
C GLY A 120 -17.70 23.41 -2.96
N HIS A 121 -17.28 22.88 -4.11
CA HIS A 121 -18.18 22.16 -5.00
C HIS A 121 -17.90 20.67 -5.12
N TYR A 122 -16.66 20.22 -4.93
CA TYR A 122 -16.30 18.83 -5.16
C TYR A 122 -16.18 18.08 -3.84
N THR A 123 -16.69 16.84 -3.84
CA THR A 123 -16.49 15.96 -2.70
C THR A 123 -15.15 15.25 -2.75
N HIS A 124 -14.59 15.07 -3.96
CA HIS A 124 -13.31 14.39 -4.12
C HIS A 124 -12.52 15.08 -5.22
N VAL A 125 -11.24 15.33 -4.94
CA VAL A 125 -10.29 15.84 -5.93
C VAL A 125 -9.13 14.88 -5.98
N PHE A 126 -8.87 14.32 -7.16
CA PHE A 126 -7.74 13.44 -7.38
C PHE A 126 -6.66 14.17 -8.15
N VAL A 127 -5.40 13.99 -7.72
CA VAL A 127 -4.24 14.54 -8.39
C VAL A 127 -3.20 13.44 -8.49
N ALA A 128 -3.28 12.63 -9.53
CA ALA A 128 -2.40 11.48 -9.70
C ALA A 128 -1.14 11.92 -10.45
N PHE A 129 -0.04 12.05 -9.72
CA PHE A 129 1.24 12.45 -10.30
C PHE A 129 1.10 13.76 -11.09
N GLY A 130 0.64 14.79 -10.38
CA GLY A 130 0.49 16.11 -10.97
C GLY A 130 1.33 17.16 -10.28
N PHE A 131 1.44 17.08 -8.96
CA PHE A 131 2.08 18.15 -8.20
C PHE A 131 3.53 18.33 -8.59
N GLN A 132 4.24 17.24 -8.91
CA GLN A 132 5.62 17.34 -9.34
C GLN A 132 5.76 17.82 -10.77
N SER A 133 4.67 17.87 -11.53
CA SER A 133 4.67 18.40 -12.89
C SER A 133 4.25 19.87 -12.94
N PHE A 134 3.48 20.35 -11.96
CA PHE A 134 2.98 21.71 -12.01
C PHE A 134 4.13 22.70 -11.82
N PRO A 135 4.18 23.78 -12.62
CA PRO A 135 5.18 24.82 -12.36
C PRO A 135 4.99 25.57 -11.05
N ASP A 136 3.86 25.38 -10.35
CA ASP A 136 3.61 26.02 -9.05
C ASP A 136 2.68 25.10 -8.26
N ALA A 137 3.27 24.11 -7.59
CA ALA A 137 2.49 23.11 -6.89
C ALA A 137 1.69 23.72 -5.74
N ASN A 138 2.21 24.77 -5.10
CA ASN A 138 1.49 25.38 -4.00
C ASN A 138 0.22 26.06 -4.49
N ALA A 139 0.28 26.75 -5.62
CA ALA A 139 -0.92 27.34 -6.20
C ALA A 139 -1.97 26.28 -6.50
N ALA A 140 -1.54 25.14 -7.05
CA ALA A 140 -2.48 24.07 -7.38
C ALA A 140 -3.12 23.49 -6.12
N LEU A 141 -2.32 23.33 -5.05
CA LEU A 141 -2.85 22.78 -3.81
C LEU A 141 -3.90 23.70 -3.22
N LYS A 142 -3.68 25.01 -3.24
CA LYS A 142 -4.69 25.94 -2.73
C LYS A 142 -5.95 25.91 -3.58
N GLU A 143 -5.82 25.68 -4.88
CA GLU A 143 -7.00 25.51 -5.72
C GLU A 143 -7.77 24.26 -5.32
N CYS A 144 -7.08 23.16 -5.03
CA CYS A 144 -7.74 21.95 -4.54
C CYS A 144 -8.53 22.26 -3.28
N PHE A 145 -7.92 22.98 -2.34
CA PHE A 145 -8.60 23.34 -1.11
C PHE A 145 -9.83 24.19 -1.39
N ARG A 146 -9.68 25.20 -2.25
CA ARG A 146 -10.77 26.13 -2.52
C ARG A 146 -11.98 25.41 -3.09
N ILE A 147 -11.78 24.58 -4.12
CA ILE A 147 -12.89 23.96 -4.82
C ILE A 147 -13.49 22.78 -4.09
N LEU A 148 -12.86 22.32 -3.01
CA LEU A 148 -13.39 21.21 -2.23
C LEU A 148 -14.51 21.69 -1.32
N ALA A 149 -15.60 20.94 -1.28
CA ALA A 149 -16.67 21.22 -0.34
C ALA A 149 -16.25 20.78 1.07
N SER A 150 -17.06 21.19 2.05
CA SER A 150 -16.85 20.72 3.41
C SER A 150 -16.94 19.19 3.44
N GLY A 151 -16.03 18.56 4.16
CA GLY A 151 -15.92 17.12 4.13
C GLY A 151 -15.30 16.55 2.88
N GLY A 152 -14.83 17.40 1.96
CA GLY A 152 -14.22 16.91 0.73
C GLY A 152 -12.86 16.27 0.98
N ILE A 153 -12.49 15.37 0.08
CA ILE A 153 -11.27 14.57 0.20
C ILE A 153 -10.31 14.98 -0.91
N LEU A 154 -9.06 15.24 -0.54
CA LEU A 154 -7.97 15.40 -1.49
C LEU A 154 -7.12 14.13 -1.47
N ALA A 155 -6.93 13.52 -2.64
CA ALA A 155 -6.15 12.29 -2.77
C ALA A 155 -5.15 12.46 -3.89
N SER A 156 -3.86 12.36 -3.57
CA SER A 156 -2.80 12.59 -4.55
C SER A 156 -1.77 11.48 -4.48
N SER A 157 -1.09 11.28 -5.60
CA SER A 157 0.04 10.37 -5.70
C SER A 157 1.22 11.14 -6.28
N THR A 158 2.38 10.98 -5.67
CA THR A 158 3.61 11.64 -6.10
C THR A 158 4.76 10.66 -5.94
N TRP A 159 5.88 10.98 -6.60
CA TRP A 159 7.05 10.11 -6.57
C TRP A 159 7.92 10.43 -5.38
N GLN A 160 8.40 9.38 -4.70
CA GLN A 160 9.43 9.52 -3.68
C GLN A 160 10.82 9.23 -4.26
N ASN A 161 11.01 8.03 -4.81
CA ASN A 161 12.35 7.63 -5.25
C ASN A 161 12.28 6.27 -5.91
N PHE A 162 13.34 5.94 -6.66
CA PHE A 162 13.72 4.57 -6.93
C PHE A 162 14.75 4.14 -5.89
N ASN A 163 14.70 2.87 -5.50
CA ASN A 163 15.64 2.35 -4.50
C ASN A 163 16.95 1.97 -5.19
N TRP A 164 17.65 2.99 -5.67
CA TRP A 164 18.89 2.78 -6.40
C TRP A 164 20.13 2.86 -5.52
N ILE A 165 20.03 3.46 -4.33
CA ILE A 165 21.20 3.62 -3.47
C ILE A 165 21.79 2.27 -3.09
N PRO A 166 21.02 1.26 -2.68
CA PRO A 166 21.63 0.00 -2.25
C PRO A 166 22.48 -0.67 -3.32
N ILE A 167 22.12 -0.50 -4.61
CA ILE A 167 22.92 -1.07 -5.68
C ILE A 167 24.26 -0.36 -5.78
N MET A 168 24.23 0.97 -5.84
CA MET A 168 25.46 1.75 -5.80
C MET A 168 26.27 1.42 -4.55
N LYS A 169 25.59 1.26 -3.42
CA LYS A 169 26.29 0.94 -2.17
C LYS A 169 27.01 -0.40 -2.27
N ALA A 170 26.34 -1.42 -2.81
CA ALA A 170 26.98 -2.71 -2.98
C ALA A 170 28.26 -2.60 -3.79
N ALA A 171 28.29 -1.69 -4.77
CA ALA A 171 29.50 -1.50 -5.56
C ALA A 171 30.57 -0.76 -4.76
N ILE A 172 30.18 0.27 -4.00
CA ILE A 172 31.16 1.00 -3.20
C ILE A 172 31.79 0.09 -2.16
N GLU A 173 31.01 -0.84 -1.60
CA GLU A 173 31.52 -1.75 -0.57
C GLU A 173 32.73 -2.55 -1.03
N THR A 174 32.91 -2.74 -2.35
CA THR A 174 33.99 -3.57 -2.84
C THR A 174 35.32 -2.82 -2.94
N ILE A 175 35.32 -1.52 -2.68
CA ILE A 175 36.54 -0.71 -2.75
C ILE A 175 37.22 -0.75 -1.38
N PRO A 176 38.55 -0.81 -1.31
CA PRO A 176 39.21 -0.73 0.00
C PRO A 176 38.84 0.55 0.74
N GLY A 177 38.89 0.48 2.06
CA GLY A 177 38.73 1.65 2.90
C GLY A 177 37.37 1.81 3.56
N ASN A 178 36.45 0.87 3.36
CA ASN A 178 35.13 0.93 3.99
C ASN A 178 34.56 2.36 3.89
N LEU A 179 34.23 2.73 2.66
CA LEU A 179 34.03 4.14 2.34
C LEU A 179 32.61 4.58 2.72
N PRO A 180 32.46 5.78 3.30
CA PRO A 180 31.12 6.25 3.68
C PRO A 180 30.19 6.34 2.48
N PHE A 181 28.91 6.17 2.73
CA PHE A 181 27.91 6.29 1.68
C PHE A 181 26.51 6.33 2.29
N PRO A 182 25.62 7.20 1.81
CA PRO A 182 24.30 7.32 2.45
C PRO A 182 23.43 6.11 2.20
N THR A 183 22.52 5.88 3.14
CA THR A 183 21.41 4.97 2.90
C THR A 183 20.41 5.63 1.96
N GLN A 184 19.44 4.84 1.48
CA GLN A 184 18.42 5.39 0.61
C GLN A 184 17.71 6.57 1.28
N LYS A 185 17.49 6.49 2.59
CA LYS A 185 16.78 7.56 3.30
C LYS A 185 17.61 8.84 3.32
N GLU A 186 18.89 8.72 3.67
CA GLU A 186 19.73 9.92 3.82
C GLU A 186 19.86 10.67 2.50
N PHE A 187 20.03 9.95 1.40
CA PHE A 187 20.14 10.61 0.09
C PHE A 187 18.89 11.42 -0.23
N ILE A 188 17.72 10.96 0.23
CA ILE A 188 16.49 11.69 -0.02
C ILE A 188 16.51 13.05 0.66
N ALA A 189 17.16 13.15 1.81
CA ALA A 189 17.19 14.39 2.59
C ALA A 189 18.30 15.32 2.11
N LEU A 190 18.63 15.29 0.83
CA LEU A 190 19.65 16.17 0.27
C LEU A 190 19.05 17.24 -0.63
N ASN A 192 14.01 16.78 -3.28
CA ASN A 192 14.58 16.17 -2.08
C ASN A 192 13.86 16.66 -0.82
N ALA A 193 13.29 17.86 -0.90
CA ALA A 193 12.60 18.48 0.23
C ALA A 193 11.25 19.02 -0.21
N GLY A 194 10.56 18.30 -1.09
CA GLY A 194 9.26 18.71 -1.58
C GLY A 194 8.23 17.60 -1.52
N TRP A 195 7.53 17.37 -2.63
CA TRP A 195 6.48 16.37 -2.68
C TRP A 195 7.01 14.93 -2.72
N ASP A 196 8.33 14.75 -2.72
CA ASP A 196 8.91 13.43 -2.50
C ASP A 196 9.16 13.16 -1.02
N SER A 197 8.61 13.99 -0.13
CA SER A 197 8.86 13.92 1.30
C SER A 197 7.54 13.82 2.05
N GLU A 198 7.41 12.79 2.89
CA GLU A 198 6.17 12.60 3.64
C GLU A 198 5.94 13.78 4.59
N SER A 199 6.99 14.20 5.31
CA SER A 199 6.84 15.28 6.28
C SER A 199 6.47 16.59 5.60
N TYR A 200 7.06 16.85 4.43
CA TYR A 200 6.73 18.08 3.72
C TYR A 200 5.26 18.11 3.31
N ILE A 201 4.75 17.00 2.77
CA ILE A 201 3.37 16.96 2.32
C ILE A 201 2.43 17.18 3.50
N GLN A 202 2.67 16.46 4.60
CA GLN A 202 1.82 16.61 5.77
C GLN A 202 1.77 18.06 6.24
N SER A 203 2.91 18.75 6.21
CA SER A 203 2.96 20.13 6.66
C SER A 203 2.22 21.06 5.69
N GLU A 204 2.46 20.89 4.39
CA GLU A 204 1.85 21.79 3.41
C GLU A 204 0.33 21.63 3.40
N LEU A 205 -0.17 20.41 3.57
CA LEU A 205 -1.62 20.21 3.63
C LEU A 205 -2.20 20.81 4.90
N GLU A 206 -1.59 20.51 6.05
CA GLU A 206 -2.14 20.97 7.32
C GLU A 206 -2.13 22.50 7.42
N LYS A 207 -1.20 23.16 6.72
CA LYS A 207 -1.16 24.62 6.76
C LYS A 207 -2.42 25.23 6.16
N LEU A 208 -2.90 24.66 5.05
CA LEU A 208 -4.07 25.21 4.37
C LEU A 208 -5.38 24.82 5.04
N GLY A 209 -5.35 23.94 6.04
CA GLY A 209 -6.55 23.56 6.78
C GLY A 209 -6.94 22.10 6.64
N PHE A 210 -6.28 21.33 5.78
CA PHE A 210 -6.62 19.91 5.66
C PHE A 210 -6.40 19.21 6.99
N ARG A 211 -7.27 18.25 7.30
CA ARG A 211 -7.20 17.45 8.51
C ARG A 211 -7.11 15.97 8.14
N ASP A 212 -6.81 15.15 9.15
CA ASP A 212 -6.71 13.70 8.98
C ASP A 212 -5.79 13.36 7.80
N VAL A 213 -4.67 14.06 7.72
CA VAL A 213 -3.73 13.88 6.62
C VAL A 213 -2.94 12.59 6.84
N LYS A 214 -2.84 11.78 5.78
CA LYS A 214 -2.08 10.54 5.82
C LYS A 214 -1.25 10.44 4.54
N VAL A 215 0.05 10.15 4.71
CA VAL A 215 0.97 10.01 3.58
C VAL A 215 1.61 8.63 3.70
N ILE A 216 1.31 7.75 2.74
CA ILE A 216 1.68 6.34 2.82
C ILE A 216 2.63 6.04 1.65
N PRO A 217 3.77 5.39 1.88
CA PRO A 217 4.62 4.96 0.77
C PRO A 217 4.18 3.61 0.23
N VAL A 218 4.21 3.48 -1.10
CA VAL A 218 3.73 2.30 -1.79
C VAL A 218 4.78 1.85 -2.80
N PRO A 219 5.39 0.67 -2.64
CA PRO A 219 6.42 0.25 -3.59
C PRO A 219 5.87 -0.58 -4.75
N LYS A 220 6.49 -0.39 -5.91
CA LYS A 220 6.22 -1.19 -7.11
C LYS A 220 7.55 -1.57 -7.74
N GLU A 221 7.58 -2.75 -8.35
CA GLU A 221 8.81 -3.28 -8.92
C GLU A 221 8.96 -2.84 -10.37
N THR A 222 10.16 -2.39 -10.73
CA THR A 222 10.52 -2.07 -12.10
C THR A 222 11.96 -2.48 -12.31
N SER A 223 12.50 -2.21 -13.49
CA SER A 223 13.90 -2.50 -13.76
C SER A 223 14.44 -1.48 -14.74
N ILE A 224 15.77 -1.34 -14.74
CA ILE A 224 16.45 -0.42 -15.64
C ILE A 224 17.62 -1.15 -16.29
N PRO A 225 17.81 -1.02 -17.60
CA PRO A 225 18.97 -1.69 -18.24
C PRO A 225 20.29 -1.18 -17.68
N ILE A 226 21.26 -2.10 -17.60
CA ILE A 226 22.57 -1.76 -17.01
C ILE A 226 23.09 -0.46 -17.60
N ASP A 227 23.06 -0.35 -18.92
CA ASP A 227 23.68 0.79 -19.59
C ASP A 227 23.13 2.10 -19.06
N GLU A 228 21.81 2.20 -18.93
CA GLU A 228 21.19 3.45 -18.50
C GLU A 228 21.34 3.66 -17.00
N PHE A 229 21.22 2.59 -16.21
CA PHE A 229 21.43 2.72 -14.77
C PHE A 229 22.81 3.29 -14.48
N PHE A 230 23.82 2.81 -15.18
CA PHE A 230 25.18 3.29 -14.99
C PHE A 230 25.28 4.79 -15.31
N GLU A 231 24.76 5.19 -16.47
CA GLU A 231 24.87 6.58 -16.89
C GLU A 231 24.25 7.53 -15.87
N VAL A 232 23.08 7.17 -15.32
CA VAL A 232 22.43 8.02 -14.34
C VAL A 232 23.27 8.13 -13.08
N CYS A 233 23.81 7.00 -12.60
CA CYS A 233 24.67 7.04 -11.43
C CYS A 233 25.87 7.94 -11.65
N MET A 234 26.43 7.93 -12.86
CA MET A 234 27.59 8.77 -13.13
C MET A 234 27.24 10.24 -13.15
N MET A 235 25.98 10.59 -13.43
CA MET A 235 25.56 11.98 -13.35
C MET A 235 25.38 12.46 -11.92
N ILE A 236 25.30 11.54 -10.96
CA ILE A 236 24.97 11.89 -9.58
C ILE A 236 26.20 11.89 -8.68
N ILE A 237 27.16 11.00 -8.91
CA ILE A 237 28.28 10.86 -7.98
C ILE A 237 29.12 12.14 -7.96
N PRO A 238 29.24 12.91 -9.04
CA PRO A 238 30.01 14.17 -8.93
C PRO A 238 29.53 15.07 -7.80
N TYR A 239 28.24 15.02 -7.47
CA TYR A 239 27.71 15.77 -6.33
C TYR A 239 27.79 14.96 -5.03
N LEU A 240 27.57 13.64 -5.13
CA LEU A 240 27.33 12.84 -3.94
C LEU A 240 28.62 12.53 -3.19
N LEU A 241 29.69 12.20 -3.91
CA LEU A 241 30.92 11.78 -3.24
C LEU A 241 31.59 12.93 -2.50
N PRO A 242 31.75 14.13 -3.08
CA PRO A 242 32.36 15.24 -2.33
C PRO A 242 31.68 15.52 -1.01
N LYS A 243 30.38 15.25 -0.90
CA LYS A 243 29.68 15.46 0.36
C LYS A 243 30.00 14.38 1.40
N PHE A 244 30.43 13.20 0.97
CA PHE A 244 30.60 12.08 1.89
C PHE A 244 32.03 11.61 2.07
N TRP A 245 32.90 11.82 1.07
CA TRP A 245 34.30 11.42 1.17
C TRP A 245 35.18 12.63 1.41
N THR A 246 36.24 12.42 2.18
CA THR A 246 37.24 13.45 2.38
C THR A 246 38.09 13.61 1.11
N GLU A 247 38.91 14.66 1.10
CA GLU A 247 39.80 14.90 -0.02
C GLU A 247 40.71 13.69 -0.26
N GLU A 248 41.29 13.15 0.82
CA GLU A 248 42.21 12.02 0.67
C GLU A 248 41.49 10.81 0.08
N GLN A 249 40.28 10.52 0.58
CA GLN A 249 39.53 9.37 0.05
C GLN A 249 39.19 9.58 -1.42
N ARG A 250 38.79 10.79 -1.80
CA ARG A 250 38.49 11.06 -3.21
C ARG A 250 39.73 10.89 -4.08
N GLU A 251 40.88 11.36 -3.60
CA GLU A 251 42.11 11.24 -4.38
C GLU A 251 42.47 9.78 -4.64
N SER A 252 42.14 8.89 -3.70
CA SER A 252 42.53 7.49 -3.83
C SER A 252 41.53 6.68 -4.66
N HIS A 253 40.25 7.05 -4.66
CA HIS A 253 39.22 6.14 -5.14
C HIS A 253 38.27 6.75 -6.15
N GLU A 254 38.02 8.06 -6.07
CA GLU A 254 36.92 8.65 -6.83
C GLU A 254 37.02 8.32 -8.32
N LYS A 255 38.22 8.42 -8.88
CA LYS A 255 38.40 8.14 -10.31
C LYS A 255 38.15 6.67 -10.65
N ASP A 256 38.23 5.78 -9.67
CA ASP A 256 37.99 4.37 -9.91
C ASP A 256 36.52 3.98 -9.81
N VAL A 257 35.67 4.84 -9.25
CA VAL A 257 34.26 4.48 -9.04
C VAL A 257 33.58 4.04 -10.32
N PRO A 258 33.69 4.76 -11.45
CA PRO A 258 33.00 4.33 -12.67
C PRO A 258 33.26 2.87 -13.04
N MET A 259 34.52 2.50 -13.22
CA MET A 259 34.83 1.13 -13.62
C MET A 259 34.42 0.12 -12.56
N VAL A 260 34.49 0.49 -11.28
CA VAL A 260 33.99 -0.40 -10.23
C VAL A 260 32.50 -0.67 -10.43
N LEU A 261 31.70 0.39 -10.59
CA LEU A 261 30.27 0.20 -10.73
C LEU A 261 29.94 -0.63 -11.97
N ARG A 262 30.56 -0.30 -13.10
CA ARG A 262 30.28 -1.06 -14.32
C ARG A 262 30.65 -2.52 -14.14
N GLN A 263 31.75 -2.79 -13.44
CA GLN A 263 32.13 -4.19 -13.17
C GLN A 263 31.10 -4.85 -12.27
N TYR A 264 30.71 -4.17 -11.19
CA TYR A 264 29.69 -4.72 -10.30
C TYR A 264 28.42 -5.05 -11.07
N LEU A 265 27.96 -4.12 -11.91
CA LEU A 265 26.69 -4.30 -12.60
C LEU A 265 26.76 -5.45 -13.58
N GLN A 266 27.88 -5.60 -14.29
CA GLN A 266 28.04 -6.73 -15.21
C GLN A 266 28.06 -8.04 -14.45
N ASP A 267 28.84 -8.11 -13.36
CA ASP A 267 28.91 -9.33 -12.57
C ASP A 267 27.55 -9.70 -11.99
N THR A 268 26.78 -8.70 -11.57
CA THR A 268 25.55 -8.95 -10.82
C THR A 268 24.34 -9.13 -11.73
N TYR A 269 24.26 -8.37 -12.83
CA TYR A 269 23.06 -8.36 -13.65
C TYR A 269 23.35 -8.61 -15.13
N GLY A 270 24.56 -9.04 -15.47
CA GLY A 270 24.94 -9.23 -16.87
C GLY A 270 24.22 -10.36 -17.56
N ALA A 271 23.56 -11.25 -16.81
CA ALA A 271 22.88 -12.38 -17.42
C ALA A 271 21.76 -11.92 -18.34
N ASN A 272 20.95 -10.94 -17.91
CA ASN A 272 19.89 -10.38 -18.73
C ASN A 272 20.03 -8.87 -18.90
N GLY A 273 21.11 -8.28 -18.40
CA GLY A 273 21.37 -6.86 -18.63
C GLY A 273 20.29 -5.94 -18.09
N GLN A 274 19.74 -6.24 -16.92
CA GLN A 274 18.65 -5.46 -16.35
C GLN A 274 18.83 -5.38 -14.84
N VAL A 275 18.65 -4.18 -14.29
CA VAL A 275 18.75 -3.96 -12.84
C VAL A 275 17.33 -3.95 -12.27
N PRO A 276 16.91 -4.97 -11.53
CA PRO A 276 15.64 -4.86 -10.82
C PRO A 276 15.69 -3.73 -9.79
N LEU A 277 14.55 -3.09 -9.59
CA LEU A 277 14.53 -1.82 -8.86
C LEU A 277 13.11 -1.55 -8.39
N GLU A 278 12.99 -1.03 -7.17
CA GLU A 278 11.69 -0.70 -6.58
C GLU A 278 11.44 0.79 -6.69
N ALA A 279 10.26 1.15 -7.21
CA ALA A 279 9.81 2.53 -7.29
C ALA A 279 8.79 2.79 -6.19
N VAL A 280 8.97 3.88 -5.45
CA VAL A 280 8.13 4.21 -4.31
C VAL A 280 7.36 5.49 -4.62
N ALA A 281 6.03 5.40 -4.63
CA ALA A 281 5.17 6.56 -4.69
C ALA A 281 4.55 6.81 -3.31
N LEU A 282 4.24 8.07 -3.04
CA LEU A 282 3.57 8.47 -1.81
C LEU A 282 2.11 8.74 -2.11
N ILE A 283 1.22 8.05 -1.40
CA ILE A 283 -0.22 8.26 -1.50
C ILE A 283 -0.66 9.15 -0.36
N THR A 284 -1.27 10.28 -0.69
CA THR A 284 -1.66 11.31 0.28
C THR A 284 -3.17 11.45 0.29
N THR A 285 -3.73 11.61 1.50
CA THR A 285 -5.16 11.84 1.66
C THR A 285 -5.36 12.89 2.74
N GLY A 286 -6.36 13.75 2.55
CA GLY A 286 -6.65 14.80 3.50
C GLY A 286 -8.07 15.28 3.37
N LEU A 287 -8.63 15.78 4.46
CA LEU A 287 -10.03 16.15 4.54
C LEU A 287 -10.16 17.65 4.79
N LYS A 288 -10.97 18.31 3.96
CA LYS A 288 -11.31 19.70 4.20
C LYS A 288 -12.37 19.76 5.31
N PRO A 289 -12.12 20.48 6.42
CA PRO A 289 -13.13 20.53 7.48
C PRO A 289 -14.48 21.06 6.98
N PHE B 18 -16.46 -7.78 12.17
CA PHE B 18 -16.36 -8.50 10.91
C PHE B 18 -15.08 -9.31 10.87
N VAL B 19 -13.96 -8.65 11.22
CA VAL B 19 -12.68 -9.35 11.30
C VAL B 19 -12.81 -10.60 12.15
N ASP B 20 -13.41 -10.46 13.33
CA ASP B 20 -13.54 -11.60 14.24
C ASP B 20 -14.62 -12.56 13.80
N ARG B 21 -15.74 -12.05 13.28
CA ARG B 21 -16.92 -12.87 13.02
C ARG B 21 -17.03 -13.37 11.59
N TYR B 22 -16.46 -12.68 10.60
CA TYR B 22 -16.56 -13.09 9.22
C TYR B 22 -15.43 -14.04 8.86
N LYS B 23 -15.77 -15.11 8.13
CA LYS B 23 -14.81 -16.13 7.73
C LYS B 23 -14.22 -15.73 6.38
N TYR B 24 -13.13 -14.98 6.42
CA TYR B 24 -12.45 -14.55 5.21
C TYR B 24 -11.86 -15.75 4.48
N THR B 25 -11.68 -15.58 3.17
CA THR B 25 -11.29 -16.67 2.28
C THR B 25 -9.85 -16.52 1.84
N GLU B 26 -9.29 -17.62 1.33
CA GLU B 26 -7.92 -17.60 0.83
C GLU B 26 -7.81 -16.76 -0.44
N LYS B 27 -8.89 -16.62 -1.20
CA LYS B 27 -8.87 -15.76 -2.38
C LYS B 27 -8.61 -14.31 -1.99
N LEU B 28 -9.03 -13.91 -0.79
CA LEU B 28 -8.82 -12.54 -0.34
C LEU B 28 -7.42 -12.37 0.24
N THR B 29 -7.04 -13.25 1.19
CA THR B 29 -5.69 -13.17 1.74
C THR B 29 -4.63 -13.31 0.66
N GLY B 30 -4.93 -14.05 -0.41
CA GLY B 30 -3.98 -14.14 -1.50
C GLY B 30 -3.71 -12.82 -2.19
N LEU B 31 -4.69 -11.91 -2.17
CA LEU B 31 -4.51 -10.60 -2.78
C LEU B 31 -3.43 -9.78 -2.09
N TYR B 32 -3.05 -10.14 -0.87
CA TYR B 32 -2.07 -9.38 -0.10
C TYR B 32 -0.71 -10.05 -0.03
N ALA B 33 -0.56 -11.24 -0.64
CA ALA B 33 0.73 -11.92 -0.61
C ALA B 33 1.79 -11.10 -1.33
N GLN B 34 1.49 -10.67 -2.56
CA GLN B 34 2.43 -9.80 -3.28
C GLN B 34 2.73 -8.55 -2.47
N THR B 35 1.71 -7.93 -1.90
CA THR B 35 1.90 -6.76 -1.05
C THR B 35 2.94 -7.02 0.02
N LEU B 36 2.76 -8.11 0.77
CA LEU B 36 3.67 -8.41 1.88
C LEU B 36 5.10 -8.59 1.38
N VAL B 37 5.27 -9.29 0.25
CA VAL B 37 6.61 -9.54 -0.28
C VAL B 37 7.26 -8.22 -0.70
N ASP B 38 6.50 -7.34 -1.36
CA ASP B 38 7.08 -6.08 -1.82
C ASP B 38 7.53 -5.22 -0.65
N TYR B 39 6.67 -5.07 0.36
CA TYR B 39 7.04 -4.24 1.52
C TYR B 39 8.19 -4.87 2.30
N SER B 40 8.36 -6.19 2.23
CA SER B 40 9.44 -6.84 2.95
C SER B 40 10.81 -6.51 2.37
N GLY B 41 10.87 -6.07 1.11
CA GLY B 41 12.14 -5.83 0.45
C GLY B 41 12.92 -7.06 0.10
N VAL B 42 12.30 -8.25 0.23
CA VAL B 42 13.02 -9.49 0.00
C VAL B 42 13.49 -9.61 -1.43
N ALA B 43 12.74 -9.04 -2.39
CA ALA B 43 13.13 -9.16 -3.78
C ALA B 43 14.31 -8.26 -4.12
N ASN B 44 14.39 -7.09 -3.50
CA ASN B 44 15.51 -6.17 -3.68
C ASN B 44 16.57 -6.33 -2.60
N THR B 45 16.65 -7.51 -1.99
CA THR B 45 17.69 -7.80 -1.03
C THR B 45 18.98 -8.08 -1.79
N SER B 46 19.98 -7.22 -1.62
CA SER B 46 21.30 -7.52 -2.16
C SER B 46 22.06 -8.45 -1.22
N GLN B 47 21.89 -8.25 0.09
CA GLN B 47 22.49 -9.14 1.07
C GLN B 47 21.92 -10.55 0.92
N LYS B 48 22.79 -11.54 0.94
CA LYS B 48 22.40 -12.93 0.79
C LYS B 48 23.45 -13.80 1.48
N PRO B 49 23.26 -15.13 1.50
CA PRO B 49 22.13 -15.91 0.97
C PRO B 49 20.85 -15.71 1.79
N LEU B 50 19.71 -15.90 1.15
CA LEU B 50 18.42 -15.79 1.83
C LEU B 50 18.05 -17.10 2.51
N ILE B 51 17.56 -17.00 3.73
CA ILE B 51 17.06 -18.13 4.50
C ILE B 51 15.69 -17.73 5.00
N VAL B 52 14.64 -18.22 4.34
CA VAL B 52 13.30 -17.67 4.45
C VAL B 52 12.38 -18.71 5.10
N LEU B 53 11.54 -18.25 6.01
CA LEU B 53 10.48 -19.07 6.60
C LEU B 53 9.12 -18.48 6.21
N ASP B 54 8.31 -19.28 5.52
CA ASP B 54 6.91 -18.94 5.30
C ASP B 54 6.13 -19.59 6.43
N ASN B 55 5.90 -18.81 7.49
CA ASN B 55 5.39 -19.31 8.75
C ASN B 55 3.86 -19.35 8.71
N ALA B 56 3.29 -20.51 9.02
CA ALA B 56 1.87 -20.78 8.81
C ALA B 56 1.50 -20.47 7.35
N CYS B 57 2.23 -21.13 6.44
CA CYS B 57 2.13 -20.83 5.01
C CYS B 57 0.77 -21.17 4.44
N GLY B 58 0.01 -22.04 5.08
CA GLY B 58 -1.31 -22.39 4.55
C GLY B 58 -1.20 -23.03 3.20
N ILE B 59 -2.02 -22.56 2.25
CA ILE B 59 -2.00 -23.04 0.89
C ILE B 59 -0.67 -22.74 0.21
N GLY B 60 0.09 -21.77 0.73
CA GLY B 60 1.35 -21.40 0.15
C GLY B 60 1.35 -20.14 -0.68
N ALA B 61 0.46 -19.19 -0.38
CA ALA B 61 0.35 -17.98 -1.19
C ALA B 61 1.64 -17.19 -1.19
N VAL B 62 2.25 -17.00 -0.01
CA VAL B 62 3.48 -16.22 0.05
C VAL B 62 4.63 -16.96 -0.63
N SER B 63 4.72 -18.28 -0.42
CA SER B 63 5.80 -19.04 -1.02
C SER B 63 5.73 -19.00 -2.54
N SER B 64 4.53 -19.07 -3.10
CA SER B 64 4.37 -18.97 -4.54
C SER B 64 4.86 -17.62 -5.05
N VAL B 65 4.37 -16.54 -4.46
CA VAL B 65 4.82 -15.21 -4.85
C VAL B 65 6.34 -15.11 -4.79
N LEU B 66 6.95 -15.66 -3.74
CA LEU B 66 8.38 -15.50 -3.57
C LEU B 66 9.16 -16.08 -4.75
N ASN B 67 8.78 -17.27 -5.22
CA ASN B 67 9.54 -17.91 -6.28
C ASN B 67 9.34 -17.24 -7.63
N HIS B 68 8.21 -16.54 -7.82
CA HIS B 68 7.99 -15.80 -9.06
C HIS B 68 8.72 -14.46 -9.05
N THR B 69 8.88 -13.86 -7.87
CA THR B 69 9.41 -12.50 -7.76
C THR B 69 10.92 -12.46 -7.65
N LEU B 70 11.53 -13.49 -7.07
CA LEU B 70 12.97 -13.47 -6.85
C LEU B 70 13.73 -13.76 -8.14
N GLN B 71 14.84 -13.05 -8.33
CA GLN B 71 15.74 -13.37 -9.43
C GLN B 71 16.32 -14.76 -9.25
N ASP B 72 16.70 -15.39 -10.37
CA ASP B 72 17.16 -16.77 -10.30
C ASP B 72 18.46 -16.91 -9.51
N GLU B 73 19.32 -15.89 -9.56
CA GLU B 73 20.54 -15.93 -8.76
C GLU B 73 20.22 -16.06 -7.27
N ALA B 74 19.15 -15.42 -6.82
CA ALA B 74 18.78 -15.48 -5.41
C ALA B 74 18.23 -16.86 -5.05
N LYS B 75 17.41 -17.43 -5.92
CA LYS B 75 16.78 -18.72 -5.62
C LYS B 75 17.74 -19.89 -5.78
N LYS B 76 18.92 -19.68 -6.34
CA LYS B 76 19.90 -20.76 -6.46
C LYS B 76 20.59 -21.04 -5.13
N THR B 77 20.73 -20.01 -4.28
CA THR B 77 21.49 -20.12 -3.04
C THR B 77 20.62 -19.92 -1.80
N TRP B 78 19.31 -19.82 -1.94
CA TRP B 78 18.43 -19.60 -0.81
C TRP B 78 17.86 -20.93 -0.32
N LYS B 79 17.27 -20.90 0.87
CA LYS B 79 16.45 -21.99 1.35
C LYS B 79 15.13 -21.42 1.84
N LEU B 80 14.03 -21.96 1.34
CA LEU B 80 12.68 -21.60 1.76
C LEU B 80 12.10 -22.76 2.57
N THR B 81 11.62 -22.45 3.76
CA THR B 81 10.87 -23.40 4.57
C THR B 81 9.42 -22.93 4.62
N CYS B 82 8.51 -23.81 4.21
CA CYS B 82 7.07 -23.56 4.27
C CYS B 82 6.54 -24.29 5.50
N GLY B 83 6.22 -23.53 6.54
CA GLY B 83 5.82 -24.09 7.82
C GLY B 83 4.33 -23.95 8.04
N ASP B 84 3.73 -24.99 8.61
CA ASP B 84 2.33 -24.94 9.03
C ASP B 84 2.10 -26.08 10.02
N LEU B 85 1.06 -25.94 10.83
CA LEU B 85 0.72 -26.94 11.82
C LEU B 85 -0.10 -28.07 11.23
N SER B 86 -0.85 -27.80 10.17
CA SER B 86 -1.80 -28.76 9.62
C SER B 86 -1.10 -29.66 8.60
N GLU B 87 -1.17 -30.97 8.84
CA GLU B 87 -0.62 -31.92 7.88
C GLU B 87 -1.27 -31.76 6.51
N GLY B 88 -2.60 -31.79 6.46
CA GLY B 88 -3.29 -31.69 5.18
C GLY B 88 -3.01 -30.38 4.46
N MET B 89 -2.83 -29.29 5.20
CA MET B 89 -2.48 -28.03 4.58
C MET B 89 -1.08 -28.09 3.97
N LEU B 90 -0.15 -28.77 4.65
CA LEU B 90 1.19 -28.93 4.08
C LEU B 90 1.19 -29.88 2.91
N GLU B 91 0.35 -30.93 2.96
CA GLU B 91 0.19 -31.82 1.82
C GLU B 91 -0.08 -31.01 0.55
N THR B 92 -1.18 -30.26 0.55
CA THR B 92 -1.50 -29.39 -0.58
C THR B 92 -0.33 -28.49 -0.94
N THR B 93 0.36 -27.95 0.06
CA THR B 93 1.45 -27.02 -0.22
C THR B 93 2.64 -27.72 -0.87
N LYS B 94 2.86 -28.99 -0.55
CA LYS B 94 3.97 -29.72 -1.18
C LYS B 94 3.64 -30.06 -2.63
N ARG B 95 2.38 -30.38 -2.92
CA ARG B 95 1.98 -30.64 -4.30
C ARG B 95 2.08 -29.36 -5.13
N ARG B 96 1.64 -28.23 -4.57
CA ARG B 96 1.83 -26.95 -5.23
C ARG B 96 3.31 -26.66 -5.43
N LEU B 97 4.14 -26.98 -4.43
CA LEU B 97 5.57 -26.81 -4.58
C LEU B 97 6.09 -27.54 -5.81
N GLN B 98 5.63 -28.77 -6.03
CA GLN B 98 6.15 -29.58 -7.11
C GLN B 98 5.69 -29.06 -8.47
N ASP B 99 4.39 -28.73 -8.58
CA ASP B 99 3.87 -28.22 -9.85
C ASP B 99 4.50 -26.89 -10.22
N GLU B 100 4.63 -25.97 -9.26
CA GLU B 100 5.07 -24.62 -9.56
C GLU B 100 6.56 -24.52 -9.81
N GLY B 101 7.34 -25.51 -9.40
CA GLY B 101 8.77 -25.50 -9.68
C GLY B 101 9.61 -24.75 -8.67
N TRP B 102 9.22 -24.77 -7.39
CA TRP B 102 10.02 -24.10 -6.37
C TRP B 102 11.37 -24.78 -6.25
N VAL B 103 12.42 -23.98 -6.19
CA VAL B 103 13.78 -24.48 -6.02
C VAL B 103 14.21 -24.24 -4.58
N ASN B 104 14.85 -25.25 -3.99
CA ASN B 104 15.40 -25.15 -2.64
C ASN B 104 14.31 -24.87 -1.60
N ALA B 105 13.11 -25.35 -1.84
CA ALA B 105 12.00 -25.18 -0.92
C ALA B 105 11.71 -26.48 -0.17
N GLU B 106 11.10 -26.34 1.01
CA GLU B 106 10.81 -27.48 1.86
C GLU B 106 9.59 -27.18 2.71
N THR B 107 8.68 -28.14 2.80
CA THR B 107 7.57 -28.07 3.73
C THR B 107 7.96 -28.74 5.04
N LYS B 108 7.43 -28.23 6.14
CA LYS B 108 7.76 -28.77 7.45
C LYS B 108 6.66 -28.41 8.45
N ILE B 109 6.30 -29.38 9.28
CA ILE B 109 5.41 -29.12 10.41
C ILE B 109 6.10 -28.13 11.34
N VAL B 110 5.44 -27.02 11.62
CA VAL B 110 6.00 -25.96 12.47
C VAL B 110 4.90 -25.33 13.29
N ASN B 111 4.97 -25.46 14.61
CA ASN B 111 4.06 -24.75 15.50
C ASN B 111 4.65 -23.37 15.78
N ALA B 112 3.92 -22.32 15.39
CA ALA B 112 4.45 -20.96 15.52
C ALA B 112 4.72 -20.60 16.97
N LEU B 113 3.98 -21.18 17.91
CA LEU B 113 4.19 -20.91 19.32
C LEU B 113 5.41 -21.66 19.87
N ASP B 114 5.90 -22.66 19.15
CA ASP B 114 7.02 -23.48 19.59
C ASP B 114 7.63 -24.18 18.38
N THR B 115 8.49 -23.46 17.65
CA THR B 115 8.83 -23.84 16.29
C THR B 115 9.89 -24.94 16.20
N GLY B 116 10.71 -25.11 17.23
CA GLY B 116 11.81 -26.06 17.15
C GLY B 116 12.91 -25.67 16.19
N LEU B 117 12.90 -24.43 15.69
CA LEU B 117 13.88 -23.98 14.73
C LEU B 117 15.02 -23.25 15.43
N PRO B 118 16.20 -23.18 14.80
CA PRO B 118 17.38 -22.66 15.51
C PRO B 118 17.29 -21.18 15.81
N ASP B 119 17.99 -20.77 16.87
CA ASP B 119 18.16 -19.36 17.17
C ASP B 119 18.94 -18.66 16.06
N GLY B 120 18.54 -17.43 15.77
CA GLY B 120 19.29 -16.57 14.85
C GLY B 120 19.64 -17.20 13.53
N HIS B 121 18.65 -17.77 12.83
CA HIS B 121 18.91 -18.56 11.64
C HIS B 121 18.36 -17.94 10.36
N TYR B 122 17.20 -17.29 10.40
CA TYR B 122 16.51 -16.86 9.19
C TYR B 122 16.81 -15.39 8.89
N THR B 123 16.85 -15.07 7.60
CA THR B 123 16.94 -13.68 7.15
C THR B 123 15.56 -13.03 7.05
N HIS B 124 14.54 -13.81 6.68
CA HIS B 124 13.18 -13.30 6.58
C HIS B 124 12.23 -14.31 7.19
N VAL B 125 11.29 -13.83 8.00
CA VAL B 125 10.17 -14.62 8.49
C VAL B 125 8.89 -13.93 8.05
N PHE B 126 8.06 -14.65 7.31
CA PHE B 126 6.77 -14.15 6.83
C PHE B 126 5.65 -14.79 7.63
N VAL B 127 4.71 -13.97 8.10
CA VAL B 127 3.52 -14.45 8.79
C VAL B 127 2.33 -13.77 8.11
N ALA B 128 1.78 -14.40 7.09
CA ALA B 128 0.66 -13.86 6.34
C ALA B 128 -0.63 -14.32 6.99
N PHE B 129 -1.32 -13.40 7.65
CA PHE B 129 -2.60 -13.68 8.31
C PHE B 129 -2.50 -14.93 9.18
N GLY B 130 -1.60 -14.87 10.17
CA GLY B 130 -1.43 -15.94 11.11
C GLY B 130 -1.59 -15.51 12.55
N PHE B 131 -1.20 -14.26 12.85
CA PHE B 131 -1.16 -13.83 14.25
C PHE B 131 -2.56 -13.80 14.86
N GLN B 132 -3.58 -13.41 14.10
CA GLN B 132 -4.95 -13.43 14.60
C GLN B 132 -5.55 -14.83 14.65
N SER B 133 -4.84 -15.84 14.15
CA SER B 133 -5.29 -17.22 14.20
C SER B 133 -4.59 -18.04 15.27
N PHE B 134 -3.48 -17.49 15.91
CA PHE B 134 -2.68 -18.21 16.91
C PHE B 134 -3.30 -18.06 18.30
N PRO B 135 -3.34 -19.13 19.10
CA PRO B 135 -3.89 -18.99 20.46
C PRO B 135 -3.10 -18.06 21.35
N ASP B 136 -1.82 -17.83 21.03
CA ASP B 136 -0.96 -16.92 21.80
C ASP B 136 -0.05 -16.24 20.79
N ALA B 137 -0.52 -15.14 20.21
CA ALA B 137 0.26 -14.44 19.19
C ALA B 137 1.57 -13.92 19.76
N ASN B 138 1.59 -13.54 21.05
CA ASN B 138 2.80 -13.04 21.66
C ASN B 138 3.87 -14.13 21.72
N ALA B 139 3.47 -15.36 22.02
CA ALA B 139 4.43 -16.45 22.04
C ALA B 139 4.96 -16.74 20.64
N ALA B 140 4.11 -16.65 19.63
CA ALA B 140 4.57 -16.80 18.26
C ALA B 140 5.46 -15.64 17.84
N LEU B 141 5.19 -14.43 18.35
CA LEU B 141 6.01 -13.27 18.00
C LEU B 141 7.41 -13.39 18.61
N LYS B 142 7.50 -13.88 19.85
CA LYS B 142 8.80 -14.14 20.45
C LYS B 142 9.57 -15.18 19.64
N GLU B 143 8.88 -16.24 19.20
CA GLU B 143 9.54 -17.25 18.37
C GLU B 143 10.11 -16.64 17.09
N CYS B 144 9.33 -15.77 16.44
CA CYS B 144 9.84 -15.07 15.26
C CYS B 144 11.12 -14.32 15.59
N PHE B 145 11.12 -13.60 16.71
CA PHE B 145 12.30 -12.83 17.09
C PHE B 145 13.50 -13.73 17.35
N ARG B 146 13.27 -14.86 18.03
CA ARG B 146 14.37 -15.77 18.34
C ARG B 146 14.99 -16.35 17.08
N ILE B 147 14.17 -16.90 16.19
CA ILE B 147 14.71 -17.63 15.04
C ILE B 147 15.23 -16.72 13.94
N LEU B 148 14.97 -15.42 14.03
CA LEU B 148 15.54 -14.48 13.09
C LEU B 148 17.00 -14.21 13.44
N ALA B 149 17.86 -14.22 12.43
CA ALA B 149 19.24 -13.80 12.62
C ALA B 149 19.32 -12.28 12.73
N SER B 150 20.41 -11.82 13.35
CA SER B 150 20.68 -10.39 13.41
C SER B 150 20.56 -9.79 12.02
N GLY B 151 19.80 -8.70 11.90
CA GLY B 151 19.48 -8.12 10.62
C GLY B 151 18.30 -8.74 9.92
N GLY B 152 17.73 -9.81 10.47
CA GLY B 152 16.59 -10.45 9.84
C GLY B 152 15.33 -9.61 9.93
N ILE B 153 14.42 -9.85 8.99
CA ILE B 153 13.21 -9.06 8.83
C ILE B 153 12.00 -9.95 9.15
N LEU B 154 11.10 -9.43 9.99
CA LEU B 154 9.78 -9.99 10.17
C LEU B 154 8.80 -9.23 9.31
N ALA B 155 8.06 -9.93 8.47
CA ALA B 155 7.00 -9.35 7.64
C ALA B 155 5.70 -10.08 7.95
N SER B 156 4.69 -9.34 8.40
CA SER B 156 3.41 -9.92 8.77
C SER B 156 2.28 -9.12 8.15
N SER B 157 1.19 -9.82 7.85
CA SER B 157 -0.05 -9.20 7.41
C SER B 157 -1.17 -9.65 8.34
N THR B 158 -1.97 -8.68 8.80
CA THR B 158 -3.14 -8.95 9.62
C THR B 158 -4.28 -8.06 9.17
N TRP B 159 -5.49 -8.41 9.59
CA TRP B 159 -6.69 -7.68 9.22
C TRP B 159 -6.91 -6.53 10.19
N GLN B 160 -7.00 -5.30 9.67
CA GLN B 160 -7.50 -4.20 10.49
C GLN B 160 -9.02 -4.24 10.57
N ASN B 161 -9.69 -4.23 9.42
CA ASN B 161 -11.14 -4.14 9.38
C ASN B 161 -11.60 -4.39 7.96
N PHE B 162 -12.89 -4.70 7.83
CA PHE B 162 -13.63 -4.55 6.59
C PHE B 162 -14.49 -3.29 6.68
N ASN B 163 -14.70 -2.64 5.55
CA ASN B 163 -15.45 -1.38 5.52
C ASN B 163 -16.96 -1.65 5.45
N TRP B 164 -17.47 -2.27 6.52
CA TRP B 164 -18.89 -2.59 6.58
C TRP B 164 -19.75 -1.44 7.11
N ILE B 165 -19.16 -0.51 7.87
CA ILE B 165 -19.95 0.55 8.49
C ILE B 165 -20.68 1.39 7.46
N PRO B 166 -20.05 1.84 6.37
CA PRO B 166 -20.78 2.71 5.42
C PRO B 166 -22.05 2.08 4.90
N ILE B 167 -22.05 0.77 4.66
CA ILE B 167 -23.25 0.10 4.18
C ILE B 167 -24.30 0.06 5.28
N MET B 168 -23.89 -0.29 6.50
CA MET B 168 -24.83 -0.32 7.63
C MET B 168 -25.39 1.07 7.90
N LYS B 169 -24.53 2.10 7.79
CA LYS B 169 -24.95 3.47 8.05
C LYS B 169 -26.04 3.91 7.07
N ALA B 170 -25.91 3.52 5.79
CA ALA B 170 -26.92 3.89 4.80
C ALA B 170 -28.27 3.27 5.14
N ALA B 171 -28.27 2.00 5.56
CA ALA B 171 -29.52 1.35 5.93
C ALA B 171 -30.17 2.02 7.13
N ILE B 172 -29.35 2.45 8.09
CA ILE B 172 -29.88 3.06 9.30
C ILE B 172 -30.46 4.45 9.00
N GLU B 173 -29.90 5.16 8.02
CA GLU B 173 -30.46 6.47 7.65
C GLU B 173 -31.87 6.35 7.11
N THR B 174 -32.27 5.17 6.66
CA THR B 174 -33.64 4.94 6.23
C THR B 174 -34.62 5.01 7.40
N ILE B 175 -34.14 4.75 8.62
CA ILE B 175 -35.02 4.65 9.78
C ILE B 175 -35.37 6.05 10.25
N PRO B 176 -36.64 6.32 10.61
CA PRO B 176 -36.98 7.63 11.15
C PRO B 176 -36.25 7.91 12.46
N GLY B 177 -35.98 9.19 12.70
CA GLY B 177 -35.38 9.64 13.94
C GLY B 177 -33.95 10.10 13.84
N ASN B 178 -33.32 10.00 12.66
CA ASN B 178 -31.95 10.46 12.47
C ASN B 178 -31.03 9.85 13.53
N LEU B 179 -30.93 8.53 13.49
CA LEU B 179 -30.33 7.78 14.58
C LEU B 179 -28.81 7.85 14.50
N PRO B 180 -28.12 8.15 15.60
CA PRO B 180 -26.66 8.27 15.54
C PRO B 180 -26.02 6.95 15.14
N PHE B 181 -24.82 7.06 14.57
CA PHE B 181 -24.08 5.88 14.16
C PHE B 181 -22.66 6.28 13.80
N PRO B 182 -21.65 5.53 14.24
CA PRO B 182 -20.27 5.95 14.00
C PRO B 182 -19.86 5.80 12.55
N THR B 183 -18.92 6.64 12.13
CA THR B 183 -18.24 6.42 10.87
C THR B 183 -17.29 5.22 11.01
N GLN B 184 -16.86 4.69 9.85
CA GLN B 184 -15.89 3.60 9.88
C GLN B 184 -14.67 3.97 10.72
N LYS B 185 -14.17 5.20 10.54
CA LYS B 185 -13.00 5.64 11.31
C LYS B 185 -13.31 5.65 12.81
N GLU B 186 -14.44 6.23 13.19
CA GLU B 186 -14.81 6.24 14.61
C GLU B 186 -14.93 4.83 15.17
N PHE B 187 -15.41 3.89 14.35
CA PHE B 187 -15.57 2.52 14.83
C PHE B 187 -14.23 1.83 15.02
N ILE B 188 -13.29 2.06 14.11
CA ILE B 188 -11.94 1.52 14.26
C ILE B 188 -11.33 2.01 15.58
N ALA B 189 -11.31 3.34 15.77
CA ALA B 189 -10.76 3.92 16.99
C ALA B 189 -11.37 3.27 18.23
N LEU B 190 -12.66 2.96 18.19
CA LEU B 190 -13.36 2.49 19.38
C LEU B 190 -13.22 0.99 19.58
N HIS B 191 -12.93 0.22 18.54
CA HIS B 191 -12.96 -1.22 18.59
C HIS B 191 -11.57 -1.87 18.55
N ASN B 192 -10.75 -1.51 17.58
CA ASN B 192 -9.51 -2.23 17.32
C ASN B 192 -8.51 -2.01 18.47
N ALA B 193 -8.12 -3.11 19.13
CA ALA B 193 -7.22 -3.03 20.28
C ALA B 193 -6.17 -4.14 20.30
N GLY B 194 -6.06 -4.95 19.24
CA GLY B 194 -5.06 -5.99 19.20
C GLY B 194 -4.27 -5.96 17.92
N TRP B 195 -4.13 -7.13 17.27
CA TRP B 195 -3.40 -7.21 16.01
C TRP B 195 -4.15 -6.56 14.86
N ASP B 196 -5.31 -5.96 15.13
CA ASP B 196 -6.01 -5.12 14.17
C ASP B 196 -5.77 -3.63 14.43
N SER B 197 -4.77 -3.30 15.23
CA SER B 197 -4.47 -1.92 15.61
C SER B 197 -3.03 -1.60 15.28
N GLU B 198 -2.80 -0.49 14.57
CA GLU B 198 -1.44 -0.09 14.23
C GLU B 198 -0.61 0.16 15.49
N SER B 199 -1.16 0.91 16.44
CA SER B 199 -0.40 1.25 17.64
C SER B 199 -0.06 0.02 18.46
N TYR B 200 -1.00 -0.92 18.58
CA TYR B 200 -0.72 -2.16 19.31
C TYR B 200 0.46 -2.89 18.69
N ILE B 201 0.40 -3.11 17.37
CA ILE B 201 1.49 -3.82 16.69
C ILE B 201 2.81 -3.11 16.92
N GLN B 202 2.85 -1.80 16.68
CA GLN B 202 4.05 -1.02 16.90
C GLN B 202 4.63 -1.27 18.28
N SER B 203 3.79 -1.21 19.31
CA SER B 203 4.26 -1.42 20.67
C SER B 203 4.80 -2.82 20.87
N GLU B 204 4.06 -3.84 20.41
CA GLU B 204 4.42 -5.22 20.70
C GLU B 204 5.79 -5.57 20.12
N LEU B 205 6.02 -5.23 18.85
CA LEU B 205 7.30 -5.53 18.23
C LEU B 205 8.44 -4.78 18.92
N GLU B 206 8.19 -3.55 19.36
CA GLU B 206 9.25 -2.75 19.95
C GLU B 206 9.56 -3.18 21.38
N LYS B 207 8.59 -3.72 22.12
CA LYS B 207 8.87 -4.22 23.46
C LYS B 207 9.86 -5.37 23.42
N LEU B 208 9.87 -6.15 22.34
CA LEU B 208 10.77 -7.29 22.23
C LEU B 208 12.14 -6.92 21.69
N GLY B 209 12.24 -5.81 20.96
CA GLY B 209 13.53 -5.36 20.48
C GLY B 209 13.62 -5.18 18.98
N PHE B 210 12.49 -5.32 18.28
CA PHE B 210 12.48 -5.00 16.87
C PHE B 210 12.75 -3.51 16.65
N ARG B 211 13.40 -3.21 15.54
CA ARG B 211 13.76 -1.85 15.20
C ARG B 211 13.19 -1.50 13.83
N ASP B 212 13.10 -0.20 13.56
CA ASP B 212 12.59 0.28 12.28
C ASP B 212 11.23 -0.34 11.98
N VAL B 213 10.36 -0.36 12.99
CA VAL B 213 9.06 -1.00 12.89
C VAL B 213 8.12 -0.08 12.10
N LYS B 214 7.59 -0.59 10.99
CA LYS B 214 6.62 0.13 10.17
C LYS B 214 5.34 -0.69 10.08
N VAL B 215 4.21 -0.04 10.35
CA VAL B 215 2.90 -0.66 10.19
C VAL B 215 2.11 0.21 9.24
N ILE B 216 1.67 -0.38 8.13
CA ILE B 216 1.04 0.35 7.03
C ILE B 216 -0.31 -0.30 6.74
N PRO B 217 -1.42 0.44 6.84
CA PRO B 217 -2.70 -0.12 6.37
C PRO B 217 -2.75 -0.13 4.86
N VAL B 218 -3.35 -1.19 4.30
CA VAL B 218 -3.44 -1.34 2.86
C VAL B 218 -4.89 -1.69 2.50
N PRO B 219 -5.65 -0.79 1.89
CA PRO B 219 -7.01 -1.12 1.47
C PRO B 219 -7.03 -1.80 0.10
N LYS B 220 -7.95 -2.74 -0.05
CA LYS B 220 -8.20 -3.37 -1.33
C LYS B 220 -9.70 -3.64 -1.46
N GLU B 221 -10.18 -3.64 -2.71
CA GLU B 221 -11.59 -3.87 -2.97
C GLU B 221 -11.87 -5.36 -3.02
N THR B 222 -13.02 -5.74 -2.47
CA THR B 222 -13.49 -7.12 -2.51
C THR B 222 -15.01 -7.09 -2.45
N SER B 223 -15.63 -8.25 -2.31
CA SER B 223 -17.08 -8.32 -2.22
C SER B 223 -17.47 -9.53 -1.38
N ILE B 224 -18.70 -9.49 -0.87
CA ILE B 224 -19.21 -10.54 0.02
C ILE B 224 -20.61 -10.91 -0.45
N PRO B 225 -20.98 -12.19 -0.45
CA PRO B 225 -22.37 -12.56 -0.75
C PRO B 225 -23.36 -11.79 0.12
N ILE B 226 -24.44 -11.34 -0.50
CA ILE B 226 -25.40 -10.49 0.20
C ILE B 226 -25.92 -11.16 1.47
N ASP B 227 -26.12 -12.49 1.41
CA ASP B 227 -26.69 -13.19 2.55
C ASP B 227 -25.68 -13.31 3.69
N GLU B 228 -24.43 -13.60 3.37
CA GLU B 228 -23.41 -13.68 4.41
C GLU B 228 -23.15 -12.31 5.03
N PHE B 229 -23.08 -11.27 4.19
CA PHE B 229 -22.92 -9.92 4.72
C PHE B 229 -24.03 -9.58 5.70
N PHE B 230 -25.27 -9.95 5.38
CA PHE B 230 -26.39 -9.67 6.28
C PHE B 230 -26.22 -10.42 7.59
N GLU B 231 -25.83 -11.70 7.53
CA GLU B 231 -25.71 -12.50 8.74
C GLU B 231 -24.64 -11.97 9.67
N VAL B 232 -23.49 -11.57 9.11
CA VAL B 232 -22.41 -11.05 9.94
C VAL B 232 -22.82 -9.73 10.57
N CYS B 233 -23.49 -8.86 9.82
CA CYS B 233 -23.94 -7.59 10.38
C CYS B 233 -24.82 -7.81 11.60
N MET B 234 -25.78 -8.72 11.50
CA MET B 234 -26.72 -8.95 12.59
C MET B 234 -26.06 -9.61 13.79
N MET B 235 -24.91 -10.26 13.60
CA MET B 235 -24.21 -10.86 14.74
C MET B 235 -23.53 -9.81 15.59
N ILE B 236 -23.05 -8.71 14.98
CA ILE B 236 -22.27 -7.73 15.70
C ILE B 236 -23.05 -6.47 16.03
N ILE B 237 -24.10 -6.14 15.27
CA ILE B 237 -24.83 -4.89 15.49
C ILE B 237 -25.46 -4.85 16.87
N PRO B 238 -25.92 -5.98 17.45
CA PRO B 238 -26.51 -5.88 18.79
C PRO B 238 -25.53 -5.44 19.86
N TYR B 239 -24.23 -5.68 19.66
CA TYR B 239 -23.23 -5.22 20.61
C TYR B 239 -22.89 -3.73 20.43
N LEU B 240 -23.20 -3.17 19.27
CA LEU B 240 -22.77 -1.80 18.95
C LEU B 240 -23.83 -0.75 19.27
N LEU B 241 -25.10 -1.01 18.95
CA LEU B 241 -26.12 0.01 19.13
C LEU B 241 -26.23 0.51 20.55
N PRO B 242 -26.10 -0.32 21.60
CA PRO B 242 -26.17 0.22 22.97
C PRO B 242 -25.20 1.35 23.23
N LYS B 243 -24.06 1.39 22.53
CA LYS B 243 -23.07 2.43 22.74
C LYS B 243 -23.43 3.75 22.07
N PHE B 244 -24.42 3.76 21.19
CA PHE B 244 -24.77 4.96 20.42
C PHE B 244 -26.23 5.35 20.47
N TRP B 245 -27.14 4.45 20.86
CA TRP B 245 -28.55 4.73 20.95
C TRP B 245 -28.97 4.76 22.41
N THR B 246 -29.84 5.71 22.76
CA THR B 246 -30.49 5.69 24.06
C THR B 246 -31.47 4.52 24.15
N GLU B 247 -31.93 4.24 25.36
CA GLU B 247 -32.85 3.13 25.55
C GLU B 247 -34.13 3.33 24.75
N GLU B 248 -34.64 4.56 24.71
CA GLU B 248 -35.85 4.85 23.95
C GLU B 248 -35.65 4.52 22.47
N GLN B 249 -34.54 4.98 21.89
CA GLN B 249 -34.25 4.71 20.49
C GLN B 249 -34.15 3.21 20.23
N ARG B 250 -33.54 2.47 21.14
CA ARG B 250 -33.40 1.03 20.94
C ARG B 250 -34.74 0.31 21.00
N GLU B 251 -35.53 0.60 22.04
CA GLU B 251 -36.85 -0.01 22.16
C GLU B 251 -37.76 0.39 21.01
N SER B 252 -37.56 1.58 20.44
CA SER B 252 -38.39 2.04 19.34
C SER B 252 -37.93 1.54 17.98
N HIS B 253 -36.65 1.18 17.82
CA HIS B 253 -36.12 0.87 16.50
C HIS B 253 -35.25 -0.38 16.40
N GLU B 254 -34.63 -0.85 17.49
CA GLU B 254 -33.67 -1.94 17.35
C GLU B 254 -34.31 -3.18 16.72
N LYS B 255 -35.58 -3.46 17.06
CA LYS B 255 -36.24 -4.63 16.52
C LYS B 255 -36.45 -4.54 15.01
N ASP B 256 -36.43 -3.34 14.45
CA ASP B 256 -36.66 -3.15 13.03
C ASP B 256 -35.39 -3.26 12.19
N VAL B 257 -34.22 -3.18 12.81
CA VAL B 257 -32.97 -3.16 12.03
C VAL B 257 -32.89 -4.33 11.05
N PRO B 258 -33.21 -5.57 11.43
CA PRO B 258 -33.09 -6.69 10.47
C PRO B 258 -33.88 -6.46 9.19
N MET B 259 -35.17 -6.14 9.30
CA MET B 259 -35.96 -5.86 8.11
C MET B 259 -35.38 -4.70 7.32
N VAL B 260 -34.96 -3.64 8.02
CA VAL B 260 -34.41 -2.46 7.35
C VAL B 260 -33.18 -2.83 6.54
N LEU B 261 -32.25 -3.57 7.15
CA LEU B 261 -31.02 -3.92 6.43
C LEU B 261 -31.30 -4.90 5.30
N ARG B 262 -32.14 -5.91 5.56
CA ARG B 262 -32.51 -6.85 4.51
C ARG B 262 -33.18 -6.12 3.34
N GLN B 263 -34.01 -5.13 3.64
CA GLN B 263 -34.67 -4.37 2.58
C GLN B 263 -33.66 -3.50 1.82
N TYR B 264 -32.73 -2.88 2.54
CA TYR B 264 -31.77 -2.00 1.89
C TYR B 264 -30.79 -2.80 1.03
N LEU B 265 -30.32 -3.95 1.53
CA LEU B 265 -29.39 -4.75 0.74
C LEU B 265 -30.04 -5.27 -0.53
N GLN B 266 -31.35 -5.53 -0.51
CA GLN B 266 -32.05 -5.96 -1.71
C GLN B 266 -32.23 -4.82 -2.69
N ASP B 267 -32.63 -3.65 -2.20
CA ASP B 267 -32.82 -2.49 -3.08
C ASP B 267 -31.52 -2.10 -3.75
N THR B 268 -30.39 -2.23 -3.04
CA THR B 268 -29.12 -1.73 -3.53
C THR B 268 -28.32 -2.78 -4.28
N TYR B 269 -28.47 -4.05 -3.91
CA TYR B 269 -27.68 -5.12 -4.52
C TYR B 269 -28.57 -6.31 -4.88
N GLN B 274 -24.04 -9.74 -4.33
CA GLN B 274 -22.68 -9.30 -4.04
C GLN B 274 -22.67 -7.89 -3.47
N VAL B 275 -22.07 -7.72 -2.30
CA VAL B 275 -21.96 -6.43 -1.62
C VAL B 275 -20.51 -5.98 -1.72
N PRO B 276 -20.20 -4.91 -2.46
CA PRO B 276 -18.81 -4.45 -2.54
C PRO B 276 -18.38 -3.71 -1.28
N LEU B 277 -17.14 -3.92 -0.89
CA LEU B 277 -16.55 -3.21 0.24
C LEU B 277 -15.04 -3.40 0.18
N GLU B 278 -14.34 -2.50 0.87
CA GLU B 278 -12.89 -2.56 0.94
C GLU B 278 -12.46 -3.36 2.18
N ALA B 279 -11.40 -4.15 2.01
CA ALA B 279 -10.75 -4.83 3.12
C ALA B 279 -9.42 -4.15 3.38
N VAL B 280 -9.13 -3.87 4.65
CA VAL B 280 -7.94 -3.13 5.04
C VAL B 280 -7.07 -4.07 5.88
N ALA B 281 -5.89 -4.40 5.36
CA ALA B 281 -4.94 -5.24 6.06
C ALA B 281 -3.78 -4.38 6.57
N LEU B 282 -3.18 -4.81 7.66
CA LEU B 282 -2.01 -4.13 8.23
C LEU B 282 -0.75 -4.87 7.82
N ILE B 283 0.10 -4.21 7.03
CA ILE B 283 1.37 -4.75 6.61
C ILE B 283 2.43 -4.24 7.58
N THR B 284 3.13 -5.16 8.22
CA THR B 284 4.07 -4.84 9.28
C THR B 284 5.45 -5.36 8.93
N THR B 285 6.48 -4.54 9.16
CA THR B 285 7.86 -4.99 9.06
C THR B 285 8.63 -4.56 10.29
N GLY B 286 9.62 -5.37 10.64
CA GLY B 286 10.49 -5.09 11.77
C GLY B 286 11.83 -5.75 11.58
N LEU B 287 12.86 -5.13 12.17
CA LEU B 287 14.24 -5.55 11.98
C LEU B 287 14.81 -6.02 13.31
N LYS B 288 15.41 -7.21 13.30
CA LYS B 288 16.13 -7.68 14.49
C LYS B 288 17.51 -7.04 14.52
N PRO B 289 17.90 -6.37 15.62
CA PRO B 289 19.20 -5.68 15.65
C PRO B 289 20.38 -6.61 15.41
N SAM C . -3.05 11.76 -13.86
CA SAM C . -2.47 10.94 -14.92
C SAM C . -1.85 9.67 -14.37
O SAM C . -0.93 9.10 -14.94
OXT SAM C . -2.26 9.19 -13.31
CB SAM C . -1.46 11.77 -15.71
CG SAM C . -0.23 12.23 -14.93
SD SAM C . 1.00 12.97 -16.05
CE SAM C . 2.56 12.53 -15.26
C5' SAM C . 0.87 14.72 -15.64
C4' SAM C . -0.31 15.39 -16.32
O4' SAM C . -0.51 16.69 -15.79
C3' SAM C . -0.13 15.57 -17.83
O3' SAM C . -1.18 14.94 -18.52
C2' SAM C . -0.20 17.07 -18.08
O2' SAM C . -0.92 17.39 -19.24
C1' SAM C . -0.90 17.56 -16.83
N9 SAM C . -0.59 18.95 -16.46
C8 SAM C . 0.63 19.58 -16.40
N7 SAM C . 0.42 20.85 -15.99
C5 SAM C . -0.90 21.04 -15.78
C6 SAM C . -1.66 22.13 -15.36
N6 SAM C . -1.08 23.29 -15.07
N1 SAM C . -3.03 21.99 -15.25
C2 SAM C . -3.65 20.80 -15.53
N3 SAM C . -2.89 19.72 -15.94
C4 SAM C . -1.55 19.85 -16.06
HA SAM C . -3.19 10.68 -15.54
HB1 SAM C . -1.12 11.17 -16.56
HB2 SAM C . -1.96 12.64 -16.12
HG1 SAM C . 0.22 11.40 -14.41
HG2 SAM C . -0.53 12.97 -14.19
HE1 SAM C . 3.16 11.92 -15.95
HE2 SAM C . 3.11 13.43 -15.01
HE3 SAM C . 2.36 11.95 -14.35
H5'1 SAM C . 1.79 15.23 -15.93
H5'2 SAM C . 0.77 14.83 -14.56
H4' SAM C . -1.20 14.79 -16.15
H3' SAM C . 0.84 15.19 -18.13
HO3' SAM C . -1.71 15.60 -19.01
H2' SAM C . 0.81 17.48 -18.11
HO2' SAM C . -1.74 17.87 -19.00
H1' SAM C . -1.98 17.47 -16.98
H8 SAM C . 1.59 19.14 -16.65
HN61 SAM C . -0.08 23.40 -15.16
HN62 SAM C . -1.65 24.07 -14.77
H2 SAM C . -4.71 20.66 -15.32
NA NA D . 15.30 8.22 -7.77
N SAM E . -0.21 -17.72 5.15
CA SAM E . -1.37 -18.22 4.45
C SAM E . -1.96 -17.06 3.66
O SAM E . -1.27 -16.08 3.37
OXT SAM E . -3.14 -17.07 3.32
CB SAM E . -2.36 -18.81 5.46
CG SAM E . -3.03 -17.92 6.52
SD SAM E . -4.50 -18.76 7.17
CE SAM E . -5.62 -17.39 7.56
C5' SAM E . -4.01 -19.24 8.85
C4' SAM E . -3.09 -20.45 8.85
O4' SAM E . -2.41 -20.55 10.08
C3' SAM E . -3.81 -21.78 8.63
O3' SAM E . -3.40 -22.37 7.42
C2' SAM E . -3.43 -22.64 9.81
O2' SAM E . -3.08 -23.96 9.42
C1' SAM E . -2.23 -21.91 10.40
N9 SAM E . -2.07 -22.08 11.85
C8 SAM E . -3.00 -21.97 12.85
N7 SAM E . -2.39 -22.19 14.03
C5 SAM E . -1.08 -22.43 13.80
C6 SAM E . 0.00 -22.72 14.64
N6 SAM E . -0.17 -22.81 15.96
N1 SAM E . 1.24 -22.93 14.08
C2 SAM E . 1.43 -22.84 12.72
N3 SAM E . 0.36 -22.56 11.90
C4 SAM E . -0.87 -22.37 12.44
HA SAM E . -1.10 -18.92 3.82
HB1 SAM E . -3.15 -19.29 4.89
HB2 SAM E . -1.83 -19.61 5.99
HG1 SAM E . -3.32 -16.98 6.07
HG2 SAM E . -2.33 -17.72 7.32
HE1 SAM E . -5.86 -17.40 8.62
HE2 SAM E . -6.53 -17.50 6.98
HE3 SAM E . -5.13 -16.44 7.30
H5'1 SAM E . -3.50 -18.40 9.33
H5'2 SAM E . -4.89 -19.47 9.44
H4' SAM E . -2.35 -20.33 8.05
H3' SAM E . -4.89 -21.61 8.64
HO3' SAM E . -2.95 -23.22 7.62
H2' SAM E . -4.24 -22.66 10.54
HO2' SAM E . -2.14 -24.12 9.61
H1' SAM E . -1.34 -22.27 9.90
H8 SAM E . -4.07 -21.74 12.71
HN61 SAM E . -1.08 -22.66 16.36
HN62 SAM E . 0.63 -23.02 16.55
H2 SAM E . 2.43 -22.93 12.29
NA NA F . -14.09 -5.31 10.72
#